data_4QJA
#
_entry.id   4QJA
#
_cell.length_a   51.007
_cell.length_b   58.176
_cell.length_c   61.774
_cell.angle_alpha   90.00
_cell.angle_beta   90.00
_cell.angle_gamma   90.00
#
_symmetry.space_group_name_H-M   'P 21 21 21'
#
loop_
_entity.id
_entity.type
_entity.pdbx_description
1 polymer Protease
2 polymer 'p1-p6 peptide'
3 non-polymer 'SULFATE ION'
4 water water
#
loop_
_entity_poly.entity_id
_entity_poly.type
_entity_poly.pdbx_seq_one_letter_code
_entity_poly.pdbx_strand_id
1 'polypeptide(L)'
;PQITLWKRPLVTIRIGGQLKEALLNTGADDTVLEEMNLPGKWKPKMIGGIGGFIKVRQYDQIPIEICGHKVIGTVLVGPT
PVNIIGRNLLTQIGCTLNF
;
B,A
2 'polypeptide(L)' RPGNFLQSRL P
#
# COMPACT_ATOMS: atom_id res chain seq x y z
N PRO A 1 1.42 -17.11 -8.74
CA PRO A 1 2.80 -16.63 -8.85
C PRO A 1 3.28 -16.10 -7.51
N GLN A 2 4.59 -15.96 -7.40
CA GLN A 2 5.20 -15.33 -6.25
C GLN A 2 5.82 -14.04 -6.71
N ILE A 3 5.52 -12.98 -5.99
CA ILE A 3 6.06 -11.67 -6.30
C ILE A 3 6.94 -11.21 -5.14
N THR A 4 8.24 -11.04 -5.41
CA THR A 4 9.15 -10.54 -4.43
C THR A 4 8.99 -9.02 -4.33
N LEU A 5 9.57 -8.46 -3.29
CA LEU A 5 9.30 -7.06 -2.97
C LEU A 5 10.53 -6.16 -3.08
N TRP A 6 11.52 -6.63 -3.83
CA TRP A 6 12.70 -5.81 -4.09
C TRP A 6 12.35 -4.54 -4.85
N LYS A 7 11.36 -4.66 -5.71
CA LYS A 7 10.83 -3.54 -6.47
C LYS A 7 9.35 -3.41 -6.23
N ARG A 8 8.80 -2.27 -6.62
CA ARG A 8 7.36 -2.08 -6.52
C ARG A 8 6.64 -3.21 -7.21
N PRO A 9 5.63 -3.82 -6.53
CA PRO A 9 4.94 -4.98 -7.14
C PRO A 9 3.89 -4.54 -8.16
N LEU A 10 4.37 -4.15 -9.33
CA LEU A 10 3.54 -3.74 -10.46
C LEU A 10 3.24 -4.92 -11.34
N VAL A 11 1.97 -5.09 -11.66
CA VAL A 11 1.53 -6.20 -12.51
C VAL A 11 0.57 -5.66 -13.55
N THR A 12 0.29 -6.45 -14.57
CA THR A 12 -0.65 -6.05 -15.60
C THR A 12 -2.06 -6.41 -15.15
N ILE A 13 -2.96 -5.47 -15.35
CA ILE A 13 -4.38 -5.67 -15.11
C ILE A 13 -5.14 -5.35 -16.38
N ARG A 14 -6.36 -5.88 -16.46
N ARG A 14 -6.41 -5.75 -16.44
CA ARG A 14 -7.24 -5.64 -17.56
CA ARG A 14 -7.29 -5.48 -17.59
C ARG A 14 -8.56 -5.16 -17.01
C ARG A 14 -8.60 -4.91 -17.08
N ILE A 15 -8.96 -3.98 -17.48
N ILE A 15 -8.97 -3.71 -17.49
CA ILE A 15 -10.26 -3.43 -17.17
CA ILE A 15 -10.27 -3.21 -17.10
C ILE A 15 -10.81 -2.82 -18.47
C ILE A 15 -10.96 -2.80 -18.37
N GLY A 16 -12.02 -3.25 -18.83
N GLY A 16 -12.16 -3.36 -18.55
CA GLY A 16 -12.60 -2.87 -20.11
CA GLY A 16 -12.85 -3.25 -19.80
C GLY A 16 -11.99 -3.64 -21.25
C GLY A 16 -12.12 -2.26 -20.65
N GLY A 17 -11.32 -4.75 -20.92
N GLY A 17 -11.44 -2.76 -21.67
CA GLY A 17 -10.62 -5.51 -21.95
CA GLY A 17 -10.86 -1.87 -22.66
C GLY A 17 -9.28 -4.88 -22.28
C GLY A 17 -9.36 -1.76 -22.62
N GLN A 18 -8.97 -3.76 -21.63
N GLN A 18 -8.82 -1.43 -21.46
CA GLN A 18 -7.73 -3.04 -21.92
CA GLN A 18 -7.41 -1.08 -21.35
C GLN A 18 -6.71 -3.20 -20.79
C GLN A 18 -6.59 -2.07 -20.51
N LEU A 19 -5.43 -3.14 -21.13
N LEU A 19 -5.44 -2.47 -21.04
CA LEU A 19 -4.37 -3.37 -20.14
CA LEU A 19 -4.45 -3.15 -20.22
C LEU A 19 -3.76 -2.11 -19.51
C LEU A 19 -3.69 -2.05 -19.52
N LYS A 20 -3.42 -2.22 -18.23
CA LYS A 20 -2.77 -1.19 -17.43
C LYS A 20 -1.79 -1.85 -16.47
N GLU A 21 -0.84 -1.06 -15.96
N GLU A 21 -0.81 -1.10 -15.99
CA GLU A 21 0.07 -1.50 -14.90
CA GLU A 21 0.05 -1.56 -14.89
C GLU A 21 -0.46 -1.00 -13.56
C GLU A 21 -0.46 -1.02 -13.57
N ALA A 22 -0.49 -1.88 -12.57
CA ALA A 22 -1.03 -1.51 -11.27
C ALA A 22 -0.22 -2.11 -10.13
N LEU A 23 -0.21 -1.37 -9.04
CA LEU A 23 0.56 -1.74 -7.84
C LEU A 23 -0.28 -2.59 -6.91
N LEU A 24 0.21 -3.76 -6.54
CA LEU A 24 -0.46 -4.61 -5.58
C LEU A 24 -0.18 -4.07 -4.19
N ASN A 25 -1.21 -3.53 -3.51
CA ASN A 25 -0.97 -2.68 -2.35
C ASN A 25 -1.73 -3.23 -1.14
N THR A 26 -1.05 -4.02 -0.33
CA THR A 26 -1.68 -4.55 0.87
C THR A 26 -2.02 -3.47 1.92
N GLY A 27 -1.48 -2.27 1.71
CA GLY A 27 -1.79 -1.11 2.52
C GLY A 27 -2.96 -0.29 2.02
N ALA A 28 -3.72 -0.80 1.05
CA ALA A 28 -4.91 -0.13 0.56
C ALA A 28 -6.13 -0.99 0.79
N ASP A 29 -7.14 -0.40 1.45
CA ASP A 29 -8.41 -1.11 1.64
C ASP A 29 -9.10 -1.32 0.30
N ASP A 30 -9.02 -0.29 -0.55
CA ASP A 30 -9.80 -0.19 -1.79
C ASP A 30 -8.87 -0.07 -3.00
N THR A 31 -9.44 -0.31 -4.16
CA THR A 31 -8.74 -0.21 -5.44
C THR A 31 -9.00 1.14 -6.06
N VAL A 32 -7.95 1.83 -6.45
CA VAL A 32 -8.10 3.13 -7.08
C VAL A 32 -7.25 3.23 -8.31
N LEU A 33 -7.90 3.56 -9.42
CA LEU A 33 -7.24 3.69 -10.72
C LEU A 33 -7.04 5.14 -11.11
N GLU A 34 -5.98 5.37 -11.87
N GLU A 34 -5.97 5.38 -11.87
CA GLU A 34 -5.71 6.68 -12.45
CA GLU A 34 -5.71 6.68 -12.43
C GLU A 34 -6.90 7.12 -13.28
C GLU A 34 -6.90 7.12 -13.28
N GLU A 35 -7.06 8.43 -13.38
CA GLU A 35 -8.21 9.01 -14.04
C GLU A 35 -8.43 8.38 -15.42
N MET A 36 -9.65 7.92 -15.65
CA MET A 36 -10.04 7.29 -16.90
C MET A 36 -11.53 7.48 -17.02
N ASN A 37 -12.04 7.59 -18.26
N ASN A 37 -12.03 7.56 -18.26
CA ASN A 37 -13.45 7.89 -18.46
CA ASN A 37 -13.43 7.86 -18.51
C ASN A 37 -14.32 6.64 -18.57
C ASN A 37 -14.31 6.62 -18.59
N LEU A 38 -14.41 5.92 -17.46
CA LEU A 38 -15.20 4.69 -17.37
C LEU A 38 -16.70 4.97 -17.47
N PRO A 39 -17.42 4.16 -18.23
CA PRO A 39 -18.87 4.34 -18.26
C PRO A 39 -19.54 3.79 -17.01
N GLY A 40 -20.76 4.23 -16.77
CA GLY A 40 -21.57 3.73 -15.67
C GLY A 40 -21.85 4.75 -14.59
N LYS A 41 -22.76 4.37 -13.69
CA LYS A 41 -23.10 5.19 -12.54
C LYS A 41 -21.98 5.15 -11.52
N TRP A 42 -21.81 6.26 -10.83
CA TRP A 42 -20.81 6.37 -9.77
C TRP A 42 -21.30 7.27 -8.65
N LYS A 43 -20.60 7.20 -7.51
CA LYS A 43 -20.86 8.03 -6.35
C LYS A 43 -19.55 8.67 -5.91
N PRO A 44 -19.58 9.93 -5.48
CA PRO A 44 -18.37 10.56 -4.99
C PRO A 44 -17.93 9.98 -3.65
N LYS A 45 -16.63 9.98 -3.43
CA LYS A 45 -16.03 9.42 -2.24
C LYS A 45 -14.72 10.16 -2.00
N MET A 46 -14.31 10.20 -0.73
N MET A 46 -14.29 10.23 -0.75
CA MET A 46 -12.99 10.69 -0.35
CA MET A 46 -12.96 10.74 -0.46
C MET A 46 -12.17 9.51 0.16
C MET A 46 -12.13 9.65 0.23
N ILE A 47 -10.92 9.42 -0.31
CA ILE A 47 -9.99 8.40 0.22
C ILE A 47 -8.77 9.12 0.75
N GLY A 48 -8.19 8.58 1.81
CA GLY A 48 -7.09 9.26 2.45
C GLY A 48 -5.94 8.34 2.80
N GLY A 49 -4.83 8.99 3.10
CA GLY A 49 -3.65 8.31 3.55
C GLY A 49 -2.56 9.31 3.86
N ILE A 50 -1.31 8.96 3.57
CA ILE A 50 -0.24 9.91 3.79
C ILE A 50 -0.49 11.13 2.90
N GLY A 51 -0.45 12.30 3.52
CA GLY A 51 -0.62 13.54 2.80
C GLY A 51 -2.02 14.05 2.71
N GLY A 52 -2.99 13.28 3.20
CA GLY A 52 -4.35 13.75 3.24
C GLY A 52 -5.27 12.97 2.32
N PHE A 53 -6.28 13.65 1.80
CA PHE A 53 -7.34 12.99 1.05
C PHE A 53 -7.43 13.44 -0.38
N ILE A 54 -7.99 12.58 -1.21
CA ILE A 54 -8.34 12.95 -2.56
C ILE A 54 -9.77 12.52 -2.85
N LYS A 55 -10.40 13.25 -3.76
N LYS A 55 -10.40 13.24 -3.77
CA LYS A 55 -11.76 12.99 -4.24
CA LYS A 55 -11.75 12.93 -4.22
C LYS A 55 -11.69 11.95 -5.36
C LYS A 55 -11.68 11.95 -5.37
N VAL A 56 -12.54 10.94 -5.31
CA VAL A 56 -12.60 9.89 -6.32
C VAL A 56 -14.04 9.55 -6.67
N ARG A 57 -14.21 8.85 -7.78
CA ARG A 57 -15.52 8.35 -8.21
C ARG A 57 -15.58 6.86 -7.93
N GLN A 58 -16.63 6.42 -7.26
CA GLN A 58 -16.79 5.01 -6.94
C GLN A 58 -17.74 4.31 -7.91
N TYR A 59 -17.22 3.31 -8.61
CA TYR A 59 -17.96 2.46 -9.52
C TYR A 59 -18.12 1.08 -8.89
N ASP A 60 -19.29 0.49 -9.03
CA ASP A 60 -19.52 -0.81 -8.40
C ASP A 60 -19.57 -1.96 -9.42
N GLN A 61 -19.17 -3.14 -8.98
N GLN A 61 -19.19 -3.15 -8.96
CA GLN A 61 -19.28 -4.35 -9.79
CA GLN A 61 -19.25 -4.37 -9.77
C GLN A 61 -18.61 -4.22 -11.16
C GLN A 61 -18.62 -4.23 -11.14
N ILE A 62 -17.40 -3.70 -11.15
CA ILE A 62 -16.58 -3.57 -12.35
C ILE A 62 -15.68 -4.80 -12.46
N PRO A 63 -15.77 -5.55 -13.60
CA PRO A 63 -14.82 -6.66 -13.77
C PRO A 63 -13.41 -6.15 -14.01
N ILE A 64 -12.45 -6.86 -13.44
N ILE A 64 -12.43 -6.77 -13.35
CA ILE A 64 -11.06 -6.48 -13.57
CA ILE A 64 -11.02 -6.44 -13.57
C ILE A 64 -10.22 -7.75 -13.48
C ILE A 64 -10.18 -7.71 -13.46
N GLU A 65 -9.31 -7.96 -14.43
CA GLU A 65 -8.45 -9.13 -14.38
C GLU A 65 -7.07 -8.69 -13.92
N ILE A 66 -6.50 -9.43 -12.96
CA ILE A 66 -5.23 -9.07 -12.35
C ILE A 66 -4.30 -10.25 -12.61
N CYS A 67 -3.27 -10.06 -13.43
N CYS A 67 -3.32 -10.03 -13.47
CA CYS A 67 -2.36 -11.15 -13.80
CA CYS A 67 -2.34 -11.05 -13.78
C CYS A 67 -3.05 -12.41 -14.24
C CYS A 67 -3.05 -12.36 -14.19
N GLY A 68 -4.10 -12.26 -15.03
CA GLY A 68 -4.85 -13.42 -15.50
C GLY A 68 -5.92 -13.97 -14.57
N HIS A 69 -6.05 -13.40 -13.37
CA HIS A 69 -7.04 -13.83 -12.38
C HIS A 69 -8.23 -12.88 -12.40
N LYS A 70 -9.43 -13.41 -12.65
CA LYS A 70 -10.63 -12.58 -12.75
C LYS A 70 -11.10 -12.11 -11.39
N VAL A 71 -11.52 -10.85 -11.36
CA VAL A 71 -12.09 -10.25 -10.15
C VAL A 71 -13.21 -9.34 -10.60
N ILE A 72 -14.03 -8.94 -9.63
CA ILE A 72 -15.11 -8.02 -9.91
C ILE A 72 -15.52 -7.36 -8.62
N GLY A 73 -15.52 -6.05 -8.62
CA GLY A 73 -15.92 -5.35 -7.43
C GLY A 73 -15.83 -3.86 -7.59
N THR A 74 -15.70 -3.20 -6.46
CA THR A 74 -15.72 -1.75 -6.44
C THR A 74 -14.38 -1.21 -6.91
N VAL A 75 -14.46 -0.27 -7.84
CA VAL A 75 -13.28 0.37 -8.40
C VAL A 75 -13.47 1.87 -8.27
N LEU A 76 -12.49 2.51 -7.64
CA LEU A 76 -12.44 3.95 -7.52
C LEU A 76 -11.58 4.54 -8.62
N VAL A 77 -11.94 5.75 -9.07
CA VAL A 77 -11.20 6.42 -10.13
C VAL A 77 -10.96 7.84 -9.71
N GLY A 78 -9.72 8.30 -9.85
CA GLY A 78 -9.40 9.67 -9.51
C GLY A 78 -7.93 9.93 -9.66
N PRO A 79 -7.47 11.07 -9.12
CA PRO A 79 -6.10 11.53 -9.37
C PRO A 79 -5.06 10.86 -8.44
N THR A 80 -5.10 9.54 -8.41
CA THR A 80 -4.01 8.79 -7.81
C THR A 80 -2.80 8.86 -8.76
N PRO A 81 -1.58 8.91 -8.21
CA PRO A 81 -0.41 8.89 -9.09
C PRO A 81 -0.08 7.53 -9.70
N VAL A 82 -0.71 6.47 -9.22
CA VAL A 82 -0.47 5.15 -9.77
C VAL A 82 -1.71 4.30 -9.56
N ASN A 83 -1.96 3.39 -10.50
CA ASN A 83 -3.08 2.47 -10.35
C ASN A 83 -2.76 1.55 -9.18
N ILE A 84 -3.74 1.39 -8.29
CA ILE A 84 -3.57 0.64 -7.05
C ILE A 84 -4.63 -0.45 -6.94
N ILE A 85 -4.16 -1.68 -6.76
CA ILE A 85 -5.07 -2.80 -6.42
C ILE A 85 -5.02 -2.96 -4.92
N GLY A 86 -6.19 -2.79 -4.30
CA GLY A 86 -6.33 -2.90 -2.86
C GLY A 86 -6.90 -4.23 -2.44
N ARG A 87 -7.09 -4.37 -1.13
CA ARG A 87 -7.46 -5.65 -0.53
C ARG A 87 -8.81 -6.15 -1.02
N ASN A 88 -9.71 -5.24 -1.38
CA ASN A 88 -11.02 -5.70 -1.90
C ASN A 88 -10.91 -6.63 -3.08
N LEU A 89 -9.91 -6.41 -3.94
CA LEU A 89 -9.66 -7.30 -5.07
C LEU A 89 -8.52 -8.31 -4.82
N LEU A 90 -7.54 -7.95 -4.00
CA LEU A 90 -6.49 -8.93 -3.65
C LEU A 90 -7.06 -10.20 -3.02
N THR A 91 -8.10 -10.06 -2.19
CA THR A 91 -8.72 -11.22 -1.58
C THR A 91 -9.38 -12.10 -2.63
N GLN A 92 -9.97 -11.49 -3.65
CA GLN A 92 -10.68 -12.24 -4.68
C GLN A 92 -9.76 -13.13 -5.51
N ILE A 93 -8.52 -12.70 -5.70
CA ILE A 93 -7.55 -13.49 -6.46
C ILE A 93 -6.69 -14.37 -5.55
N GLY A 94 -7.01 -14.44 -4.26
CA GLY A 94 -6.37 -15.38 -3.36
C GLY A 94 -4.97 -14.98 -2.98
N CYS A 95 -4.72 -13.68 -2.93
CA CYS A 95 -3.39 -13.16 -2.63
C CYS A 95 -3.11 -13.15 -1.13
N THR A 96 -1.93 -13.62 -0.75
CA THR A 96 -1.48 -13.62 0.62
C THR A 96 -0.10 -13.00 0.73
N LEU A 97 0.21 -12.56 1.94
CA LEU A 97 1.59 -12.24 2.33
C LEU A 97 2.18 -13.45 3.01
N ASN A 98 3.46 -13.71 2.75
CA ASN A 98 4.11 -14.89 3.28
C ASN A 98 5.53 -14.59 3.71
N PHE A 99 5.88 -14.96 4.94
CA PHE A 99 7.25 -14.85 5.39
C PHE A 99 7.51 -15.85 6.49
N PRO B 1 4.66 -16.66 8.69
CA PRO B 1 3.27 -17.02 8.55
C PRO B 1 2.74 -16.69 7.17
N GLN B 2 1.54 -17.17 6.89
CA GLN B 2 0.76 -16.81 5.71
C GLN B 2 -0.38 -15.94 6.20
N ILE B 3 -0.51 -14.77 5.59
CA ILE B 3 -1.47 -13.75 6.05
C ILE B 3 -2.41 -13.45 4.89
N THR B 4 -3.70 -13.68 5.11
CA THR B 4 -4.71 -13.34 4.12
C THR B 4 -5.10 -11.89 4.30
N LEU B 5 -5.93 -11.37 3.39
CA LEU B 5 -6.10 -9.91 3.30
C LEU B 5 -7.54 -9.45 3.46
N TRP B 6 -8.37 -10.29 4.08
CA TRP B 6 -9.74 -9.89 4.40
C TRP B 6 -9.74 -8.79 5.46
N LYS B 7 -8.70 -8.73 6.27
CA LYS B 7 -8.53 -7.63 7.24
C LYS B 7 -7.21 -6.98 6.96
N ARG B 8 -7.01 -5.78 7.51
CA ARG B 8 -5.72 -5.11 7.38
C ARG B 8 -4.63 -6.00 7.98
N PRO B 9 -3.48 -6.12 7.28
CA PRO B 9 -2.42 -7.01 7.79
C PRO B 9 -1.57 -6.33 8.85
N LEU B 10 -2.14 -6.25 10.03
CA LEU B 10 -1.52 -5.60 11.17
C LEU B 10 -0.74 -6.61 11.98
N VAL B 11 0.47 -6.21 12.39
CA VAL B 11 1.31 -7.05 13.27
C VAL B 11 1.96 -6.22 14.36
N THR B 12 2.46 -6.88 15.39
CA THR B 12 3.20 -6.21 16.44
C THR B 12 4.67 -6.08 16.05
N ILE B 13 5.23 -4.91 16.31
CA ILE B 13 6.65 -4.69 16.16
C ILE B 13 7.28 -4.23 17.49
N ARG B 14 8.59 -4.39 17.62
N ARG B 14 8.59 -4.39 17.62
CA ARG B 14 9.34 -3.77 18.73
CA ARG B 14 9.35 -3.77 18.72
C ARG B 14 10.44 -2.89 18.15
C ARG B 14 10.43 -2.88 18.14
N ILE B 15 10.55 -1.67 18.65
CA ILE B 15 11.50 -0.69 18.13
C ILE B 15 11.86 0.24 19.25
N GLY B 16 13.16 0.49 19.41
CA GLY B 16 13.63 1.33 20.50
C GLY B 16 13.19 0.83 21.86
N GLY B 17 12.92 -0.47 21.96
CA GLY B 17 12.48 -1.08 23.21
C GLY B 17 10.99 -1.10 23.44
N GLN B 18 10.23 -0.45 22.57
CA GLN B 18 8.78 -0.29 22.72
C GLN B 18 8.00 -1.12 21.72
N LEU B 19 6.83 -1.60 22.14
CA LEU B 19 5.91 -2.30 21.26
C LEU B 19 4.90 -1.40 20.59
N LYS B 20 4.61 -1.70 19.33
CA LYS B 20 3.62 -0.97 18.52
C LYS B 20 2.95 -1.91 17.53
N GLU B 21 1.83 -1.45 16.97
N GLU B 21 1.80 -1.48 16.99
CA GLU B 21 1.13 -2.17 15.91
CA GLU B 21 1.12 -2.17 15.90
C GLU B 21 1.44 -1.48 14.58
C GLU B 21 1.46 -1.47 14.59
N ALA B 22 1.69 -2.26 13.54
CA ALA B 22 2.02 -1.69 12.23
C ALA B 22 1.44 -2.53 11.10
N LEU B 23 1.23 -1.87 9.96
CA LEU B 23 0.62 -2.47 8.81
C LEU B 23 1.69 -2.95 7.82
N LEU B 24 1.64 -4.22 7.43
CA LEU B 24 2.54 -4.75 6.38
C LEU B 24 2.09 -4.25 5.00
N ASN B 25 2.88 -3.36 4.42
CA ASN B 25 2.42 -2.50 3.34
C ASN B 25 3.25 -2.61 2.07
N THR B 26 2.81 -3.46 1.14
CA THR B 26 3.54 -3.61 -0.12
C THR B 26 3.44 -2.40 -1.03
N GLY B 27 2.56 -1.47 -0.68
CA GLY B 27 2.46 -0.22 -1.46
C GLY B 27 3.36 0.89 -0.99
N ALA B 28 4.22 0.60 -0.02
CA ALA B 28 5.13 1.58 0.55
C ALA B 28 6.56 1.20 0.25
N ASP B 29 7.32 2.13 -0.31
CA ASP B 29 8.75 1.90 -0.52
C ASP B 29 9.48 1.80 0.82
N ASP B 30 9.04 2.62 1.76
CA ASP B 30 9.73 2.85 3.03
C ASP B 30 8.85 2.54 4.21
N THR B 31 9.48 2.51 5.38
CA THR B 31 8.79 2.25 6.64
C THR B 31 8.60 3.60 7.33
N VAL B 32 7.36 3.85 7.74
CA VAL B 32 6.98 5.16 8.27
C VAL B 32 6.16 4.92 9.55
N LEU B 33 6.67 5.45 10.66
CA LEU B 33 6.01 5.32 11.94
C LEU B 33 5.47 6.66 12.39
N GLU B 34 4.41 6.60 13.14
CA GLU B 34 3.80 7.77 13.77
C GLU B 34 4.82 8.41 14.70
N GLU B 35 4.60 9.70 14.99
N GLU B 35 4.61 9.71 14.96
CA GLU B 35 5.51 10.48 15.81
CA GLU B 35 5.54 10.49 15.75
C GLU B 35 5.94 9.72 17.04
C GLU B 35 5.95 9.76 17.03
N MET B 36 7.25 9.69 17.26
CA MET B 36 7.84 8.98 18.40
C MET B 36 9.28 9.46 18.50
N ASN B 37 9.90 9.20 19.64
CA ASN B 37 11.30 9.46 19.84
C ASN B 37 12.10 8.23 19.42
N LEU B 38 13.21 8.41 18.70
CA LEU B 38 14.16 7.31 18.49
C LEU B 38 15.55 7.86 18.76
N PRO B 39 16.46 7.01 19.27
CA PRO B 39 17.80 7.54 19.53
C PRO B 39 18.61 7.75 18.25
N GLY B 40 19.59 8.65 18.35
CA GLY B 40 20.57 8.85 17.30
C GLY B 40 20.25 10.01 16.39
N LYS B 41 21.13 10.20 15.41
CA LYS B 41 21.01 11.24 14.42
C LYS B 41 19.85 10.96 13.47
N TRP B 42 19.18 12.00 13.02
CA TRP B 42 18.17 11.88 11.98
C TRP B 42 18.37 12.99 10.96
N LYS B 43 17.82 12.78 9.78
CA LYS B 43 17.89 13.71 8.68
C LYS B 43 16.46 14.09 8.29
N PRO B 44 16.22 15.37 7.99
CA PRO B 44 14.89 15.75 7.46
C PRO B 44 14.71 15.22 6.03
N LYS B 45 13.54 14.63 5.76
CA LYS B 45 13.23 14.10 4.41
C LYS B 45 11.79 14.43 4.09
N MET B 46 11.43 14.31 2.83
CA MET B 46 10.02 14.35 2.45
C MET B 46 9.66 13.06 1.71
N ILE B 47 8.39 12.67 1.80
CA ILE B 47 7.88 11.49 1.10
C ILE B 47 6.48 11.80 0.59
N GLY B 48 6.04 11.02 -0.40
CA GLY B 48 4.71 11.21 -0.96
C GLY B 48 3.80 10.06 -0.64
N GLY B 49 2.51 10.37 -0.63
CA GLY B 49 1.45 9.38 -0.45
C GLY B 49 0.28 9.70 -1.32
N ILE B 50 -0.85 9.07 -1.03
CA ILE B 50 -2.02 9.21 -1.86
C ILE B 50 -2.52 10.63 -1.87
N GLY B 51 -2.32 11.37 -0.78
CA GLY B 51 -2.92 12.69 -0.64
C GLY B 51 -1.97 13.84 -0.88
N GLY B 52 -0.69 13.53 -1.10
CA GLY B 52 0.34 14.55 -1.23
C GLY B 52 1.59 14.20 -0.45
N PHE B 53 2.37 15.23 -0.09
CA PHE B 53 3.69 15.06 0.48
C PHE B 53 3.72 15.50 1.94
N ILE B 54 4.55 14.81 2.72
CA ILE B 54 4.75 15.15 4.12
C ILE B 54 6.23 15.19 4.45
N LYS B 55 6.52 15.85 5.57
CA LYS B 55 7.87 15.92 6.12
C LYS B 55 8.05 14.82 7.17
N VAL B 56 9.21 14.16 7.12
CA VAL B 56 9.51 13.11 8.09
C VAL B 56 10.95 13.25 8.57
N ARG B 57 11.26 12.53 9.64
CA ARG B 57 12.63 12.40 10.11
C ARG B 57 13.14 11.02 9.74
N GLN B 58 14.31 10.95 9.11
CA GLN B 58 14.90 9.68 8.68
C GLN B 58 15.97 9.24 9.66
N TYR B 59 15.76 8.07 10.25
CA TYR B 59 16.72 7.38 11.08
C TYR B 59 17.25 6.17 10.33
N ASP B 60 18.57 6.09 10.20
CA ASP B 60 19.19 4.98 9.52
C ASP B 60 19.60 3.85 10.45
N GLN B 61 19.64 2.66 9.89
CA GLN B 61 20.23 1.50 10.55
C GLN B 61 19.65 1.25 11.94
N ILE B 62 18.32 1.25 12.01
CA ILE B 62 17.54 1.04 13.24
C ILE B 62 17.05 -0.39 13.36
N PRO B 63 17.41 -1.07 14.47
CA PRO B 63 16.87 -2.41 14.68
C PRO B 63 15.37 -2.39 14.98
N ILE B 64 14.67 -3.33 14.36
N ILE B 64 14.61 -3.29 14.33
CA ILE B 64 13.26 -3.41 14.49
CA ILE B 64 13.18 -3.49 14.59
C ILE B 64 12.87 -4.86 14.29
C ILE B 64 12.84 -4.98 14.53
N GLU B 65 12.08 -5.38 15.23
N GLU B 65 11.98 -5.46 15.43
CA GLU B 65 11.61 -6.76 15.19
CA GLU B 65 11.53 -6.84 15.33
C GLU B 65 10.15 -6.75 14.77
C GLU B 65 10.11 -6.79 14.80
N ILE B 66 9.85 -7.52 13.72
CA ILE B 66 8.56 -7.48 13.04
C ILE B 66 7.93 -8.85 13.08
N CYS B 67 6.89 -9.01 13.89
CA CYS B 67 6.22 -10.28 14.02
C CYS B 67 7.26 -11.40 14.24
N GLY B 68 8.22 -11.14 15.13
CA GLY B 68 9.25 -12.11 15.51
C GLY B 68 10.45 -12.21 14.59
N HIS B 69 10.50 -11.42 13.53
CA HIS B 69 11.62 -11.45 12.57
C HIS B 69 12.44 -10.18 12.69
N LYS B 70 13.77 -10.32 12.72
CA LYS B 70 14.63 -9.16 12.91
C LYS B 70 14.95 -8.43 11.61
N VAL B 71 14.93 -7.10 11.68
CA VAL B 71 15.36 -6.26 10.60
C VAL B 71 16.22 -5.15 11.18
N ILE B 72 17.11 -4.60 10.37
CA ILE B 72 17.83 -3.40 10.77
C ILE B 72 17.89 -2.50 9.56
N GLY B 73 17.27 -1.33 9.64
CA GLY B 73 17.21 -0.49 8.48
C GLY B 73 16.62 0.86 8.74
N THR B 74 16.23 1.51 7.66
CA THR B 74 15.82 2.89 7.71
C THR B 74 14.37 2.97 8.17
N VAL B 75 14.15 3.85 9.15
CA VAL B 75 12.81 4.10 9.66
C VAL B 75 12.54 5.60 9.56
N LEU B 76 11.40 5.96 8.98
CA LEU B 76 10.95 7.35 8.87
C LEU B 76 9.91 7.58 9.93
N VAL B 77 9.92 8.76 10.54
CA VAL B 77 8.99 9.11 11.59
C VAL B 77 8.31 10.42 11.22
N GLY B 78 6.99 10.40 11.26
CA GLY B 78 6.23 11.59 10.85
C GLY B 78 4.75 11.38 10.93
N PRO B 79 3.97 12.32 10.38
CA PRO B 79 2.52 12.30 10.50
C PRO B 79 1.82 11.35 9.55
N THR B 80 2.24 10.10 9.58
CA THR B 80 1.48 9.06 8.90
C THR B 80 0.26 8.72 9.73
N PRO B 81 -0.86 8.37 9.07
CA PRO B 81 -2.05 7.99 9.87
C PRO B 81 -1.97 6.65 10.61
N VAL B 82 -1.08 5.78 10.13
N VAL B 82 -1.12 5.74 10.10
CA VAL B 82 -0.93 4.43 10.65
CA VAL B 82 -0.90 4.47 10.74
C VAL B 82 0.56 4.09 10.55
C VAL B 82 0.56 4.12 10.57
N ASN B 83 1.07 3.30 11.48
CA ASN B 83 2.44 2.80 11.36
C ASN B 83 2.51 1.83 10.18
N ILE B 84 3.53 2.00 9.33
N ILE B 84 3.46 2.03 9.27
CA ILE B 84 3.65 1.30 8.06
CA ILE B 84 3.54 1.16 8.10
C ILE B 84 4.98 0.59 7.97
C ILE B 84 4.94 0.58 7.96
N ILE B 85 4.97 -0.72 7.71
CA ILE B 85 6.19 -1.43 7.39
C ILE B 85 6.23 -1.55 5.89
N GLY B 86 7.19 -0.88 5.27
CA GLY B 86 7.32 -0.88 3.84
C GLY B 86 8.33 -1.86 3.30
N ARG B 87 8.55 -1.81 1.99
CA ARG B 87 9.31 -2.85 1.32
C ARG B 87 10.75 -2.91 1.77
N ASN B 88 11.30 -1.78 2.22
CA ASN B 88 12.68 -1.79 2.69
C ASN B 88 12.89 -2.80 3.79
N LEU B 89 11.90 -2.97 4.66
CA LEU B 89 11.99 -3.99 5.71
C LEU B 89 11.24 -5.28 5.41
N LEU B 90 10.18 -5.25 4.60
CA LEU B 90 9.54 -6.50 4.21
C LEU B 90 10.52 -7.42 3.51
N THR B 91 11.44 -6.86 2.71
CA THR B 91 12.43 -7.70 2.05
C THR B 91 13.40 -8.33 3.04
N GLN B 92 13.73 -7.60 4.09
CA GLN B 92 14.63 -8.13 5.12
C GLN B 92 14.06 -9.32 5.84
N ILE B 93 12.74 -9.38 6.01
CA ILE B 93 12.10 -10.49 6.73
C ILE B 93 11.62 -11.60 5.79
N GLY B 94 11.91 -11.43 4.50
CA GLY B 94 11.66 -12.49 3.54
C GLY B 94 10.22 -12.53 3.09
N CYS B 95 9.55 -11.38 3.08
CA CYS B 95 8.13 -11.34 2.73
C CYS B 95 7.93 -11.30 1.22
N THR B 96 7.00 -12.11 0.75
CA THR B 96 6.55 -12.09 -0.66
C THR B 96 5.02 -12.04 -0.72
N LEU B 97 4.52 -11.64 -1.88
CA LEU B 97 3.11 -11.82 -2.24
C LEU B 97 2.94 -13.08 -3.05
N ASN B 98 1.84 -13.78 -2.81
CA ASN B 98 1.57 -15.05 -3.46
C ASN B 98 0.12 -15.20 -3.83
N PHE B 99 -0.16 -15.64 -5.05
CA PHE B 99 -1.53 -15.96 -5.45
C PHE B 99 -1.53 -16.98 -6.54
N ARG C 1 -12.70 6.30 6.91
CA ARG C 1 -11.35 6.37 7.56
C ARG C 1 -10.27 6.37 6.48
N PRO C 2 -9.08 6.93 6.78
CA PRO C 2 -8.00 6.83 5.81
C PRO C 2 -7.63 5.38 5.65
N GLY C 3 -7.44 4.97 4.41
CA GLY C 3 -7.31 3.58 4.11
C GLY C 3 -6.46 3.26 2.90
N ASN C 4 -5.76 4.23 2.33
CA ASN C 4 -4.86 3.94 1.21
C ASN C 4 -3.48 4.46 1.55
N PHE C 5 -2.62 3.56 1.99
CA PHE C 5 -1.30 3.92 2.47
C PHE C 5 -0.19 3.73 1.44
N LEU C 6 -0.48 3.98 0.18
CA LEU C 6 0.58 4.24 -0.80
C LEU C 6 1.64 5.11 -0.19
N GLN C 7 2.88 4.77 -0.41
CA GLN C 7 3.97 5.65 0.02
C GLN C 7 5.14 5.53 -0.93
N SER C 8 5.72 6.67 -1.27
N SER C 8 5.69 6.68 -1.31
CA SER C 8 6.75 6.70 -2.28
CA SER C 8 6.72 6.74 -2.32
C SER C 8 7.90 7.56 -1.81
C SER C 8 7.90 7.57 -1.81
N ARG C 9 9.12 7.08 -2.04
CA ARG C 9 10.31 7.88 -1.82
C ARG C 9 10.32 9.02 -2.82
N LEU C 10 11.13 10.02 -2.43
N LEU C 10 11.15 10.04 -2.62
CA LEU C 10 11.42 11.29 -3.14
CA LEU C 10 11.22 11.10 -3.64
C LEU C 10 11.00 12.49 -2.29
C LEU C 10 11.87 10.58 -4.92
#